data_2RC7
#
_entry.id   2RC7
#
_cell.length_a   49.892
_cell.length_b   97.568
_cell.length_c   59.901
_cell.angle_alpha   90.00
_cell.angle_beta   93.55
_cell.angle_gamma   90.00
#
_symmetry.space_group_name_H-M   'P 1 21 1'
#
loop_
_entity.id
_entity.type
_entity.pdbx_description
1 polymer 'Glutamate [NMDA] receptor subunit 3A'
2 non-polymer 'BROMIDE ION'
3 non-polymer 'CHLORIDE ION'
4 non-polymer GLYCEROL
5 non-polymer GLYCINE
6 water water
#
_entity_poly.entity_id   1
_entity_poly.type   'polypeptide(L)'
_entity_poly.pdbx_seq_one_letter_code
;GSNKLHLRVVTLIEHPFVFTREVDDEGLCPAGQLCLDPMTNDSSMLDRLFSSLHSSNDTVPIKFKKCCYGYCIDLLEQLA
EDMNFDFDLYIVGDGKYGAWKNGHWTGLVGDLLSGTANMAVTSFSINTARSQVIDFTSPFFSTSLGILVRTRGTELSGIH
DPKLHHPSQGFRFGTVRESSAEDYVRQSFPEMHEYMRRYNVPATPDGVQYLKNDPEKLDAFIMDKALLDYEVSIDADCKL
LTVGKPFAIEGYGIGLPPNSPLTSNISELISQYKSHGFMDVLHDKWYKVVPCGK
;
_entity_poly.pdbx_strand_id   A,B
#
loop_
_chem_comp.id
_chem_comp.type
_chem_comp.name
_chem_comp.formula
BR non-polymer 'BROMIDE ION' 'Br -1'
CL non-polymer 'CHLORIDE ION' 'Cl -1'
GOL non-polymer GLYCEROL 'C3 H8 O3'
#
# COMPACT_ATOMS: atom_id res chain seq x y z
N LYS A 4 3.00 33.39 3.90
CA LYS A 4 1.96 32.68 3.06
C LYS A 4 2.43 32.22 1.65
N LEU A 5 2.60 30.92 1.54
CA LEU A 5 3.05 30.37 0.28
C LEU A 5 1.93 30.39 -0.72
N HIS A 6 2.29 30.35 -2.00
N HIS A 6 2.32 30.42 -1.99
CA HIS A 6 1.33 30.37 -3.10
CA HIS A 6 1.36 30.30 -3.04
C HIS A 6 1.63 29.21 -4.07
C HIS A 6 1.76 29.05 -3.80
N LEU A 7 0.80 28.17 -4.02
CA LEU A 7 1.10 26.95 -4.76
C LEU A 7 0.22 26.76 -5.99
N ARG A 8 0.81 26.39 -7.12
CA ARG A 8 -0.01 26.03 -8.25
C ARG A 8 -0.21 24.52 -8.22
N VAL A 9 -1.48 24.15 -8.18
CA VAL A 9 -1.85 22.75 -7.98
C VAL A 9 -2.47 22.16 -9.26
N VAL A 10 -1.94 21.02 -9.71
CA VAL A 10 -2.54 20.34 -10.85
C VAL A 10 -3.44 19.21 -10.37
N THR A 11 -4.55 19.00 -11.07
CA THR A 11 -5.47 17.92 -10.71
C THR A 11 -5.96 17.19 -11.96
N LEU A 12 -6.78 16.17 -11.75
CA LEU A 12 -7.27 15.34 -12.86
C LEU A 12 -8.67 14.95 -12.43
N ILE A 13 -9.65 15.13 -13.31
CA ILE A 13 -11.04 14.89 -12.95
C ILE A 13 -11.31 13.39 -12.88
N GLU A 14 -11.66 12.90 -11.70
CA GLU A 14 -11.87 11.43 -11.50
C GLU A 14 -12.84 11.31 -10.34
N HIS A 15 -14.06 10.86 -10.64
CA HIS A 15 -15.08 10.78 -9.58
C HIS A 15 -14.81 9.62 -8.60
N PRO A 16 -15.12 9.82 -7.30
CA PRO A 16 -15.66 11.05 -6.66
C PRO A 16 -14.58 11.91 -6.02
N PHE A 17 -13.33 11.76 -6.48
CA PHE A 17 -12.22 12.51 -5.88
C PHE A 17 -12.16 13.93 -6.39
N VAL A 18 -12.44 14.12 -7.67
CA VAL A 18 -12.51 15.47 -8.24
C VAL A 18 -13.55 15.47 -9.35
N PHE A 19 -14.49 16.41 -9.28
CA PHE A 19 -15.52 16.61 -10.32
C PHE A 19 -15.37 18.03 -10.82
N THR A 20 -15.92 18.32 -11.99
CA THR A 20 -16.06 19.72 -12.43
C THR A 20 -17.49 20.05 -12.87
N ARG A 21 -17.83 21.32 -12.78
CA ARG A 21 -19.07 21.86 -13.30
C ARG A 21 -18.76 23.29 -13.77
N GLU A 22 -19.69 23.91 -14.45
CA GLU A 22 -19.48 25.28 -14.89
C GLU A 22 -19.52 26.23 -13.72
N VAL A 23 -18.89 27.39 -13.89
N VAL A 23 -18.90 27.40 -13.90
CA VAL A 23 -18.97 28.44 -12.88
CA VAL A 23 -18.93 28.45 -12.90
C VAL A 23 -20.41 28.95 -12.82
C VAL A 23 -20.30 29.13 -12.89
N ASP A 24 -20.75 29.59 -11.72
CA ASP A 24 -22.09 30.19 -11.58
C ASP A 24 -22.16 31.58 -12.21
N ASP A 25 -23.34 32.20 -12.15
CA ASP A 25 -23.55 33.52 -12.77
C ASP A 25 -22.52 34.57 -12.38
N GLU A 26 -22.23 34.70 -11.10
CA GLU A 26 -21.29 35.72 -10.66
C GLU A 26 -19.86 35.21 -10.64
N GLY A 27 -19.55 34.41 -11.67
CA GLY A 27 -18.22 33.84 -11.88
C GLY A 27 -17.66 33.01 -10.73
N LEU A 28 -18.48 32.67 -9.75
CA LEU A 28 -17.99 31.92 -8.56
C LEU A 28 -18.44 30.43 -8.38
N CYS A 29 -17.92 29.81 -7.31
CA CYS A 29 -18.08 28.37 -7.01
C CYS A 29 -18.47 28.12 -5.56
N PRO A 30 -19.73 28.41 -5.21
CA PRO A 30 -20.17 28.37 -3.82
C PRO A 30 -19.88 27.07 -3.11
N ALA A 31 -19.81 25.98 -3.87
CA ALA A 31 -19.60 24.68 -3.30
C ALA A 31 -18.35 23.99 -3.86
N GLY A 32 -17.38 24.77 -4.32
CA GLY A 32 -16.20 24.17 -4.90
C GLY A 32 -15.06 25.19 -4.95
N GLN A 33 -14.14 24.97 -5.86
CA GLN A 33 -13.01 25.86 -6.06
C GLN A 33 -12.90 26.23 -7.53
N LEU A 34 -12.79 27.53 -7.81
CA LEU A 34 -12.53 27.97 -9.17
C LEU A 34 -11.24 27.33 -9.66
N CYS A 35 -11.31 26.72 -10.85
N CYS A 35 -11.25 26.88 -10.91
CA CYS A 35 -10.13 26.10 -11.44
CA CYS A 35 -10.08 26.22 -11.46
C CYS A 35 -10.07 26.51 -12.93
C CYS A 35 -10.13 26.32 -12.98
N LEU A 36 -8.95 26.24 -13.58
CA LEU A 36 -8.85 26.41 -15.01
C LEU A 36 -8.71 25.07 -15.70
N ASP A 37 -9.24 25.00 -16.92
CA ASP A 37 -9.13 23.80 -17.72
C ASP A 37 -8.55 24.27 -19.05
N PRO A 38 -7.26 24.68 -19.04
CA PRO A 38 -6.65 25.39 -20.16
C PRO A 38 -5.96 24.59 -21.25
N MET A 39 -5.86 23.27 -21.09
CA MET A 39 -5.30 22.41 -22.13
C MET A 39 -3.87 22.89 -22.44
N THR A 40 -3.05 23.03 -21.39
CA THR A 40 -1.68 23.43 -21.61
C THR A 40 -0.74 22.82 -20.57
N ASN A 41 0.51 22.63 -20.97
CA ASN A 41 1.54 22.25 -20.02
C ASN A 41 2.65 23.31 -19.97
N ASP A 42 2.35 24.50 -20.49
CA ASP A 42 3.28 25.63 -20.58
C ASP A 42 3.11 26.50 -19.35
N SER A 43 4.14 26.52 -18.53
CA SER A 43 4.09 27.25 -17.29
C SER A 43 3.86 28.75 -17.49
N SER A 44 4.46 29.31 -18.54
CA SER A 44 4.26 30.73 -18.80
C SER A 44 2.80 31.03 -19.16
N MET A 45 2.17 30.17 -19.96
CA MET A 45 0.77 30.36 -20.30
C MET A 45 -0.11 30.28 -19.07
N LEU A 46 0.19 29.34 -18.17
CA LEU A 46 -0.57 29.25 -16.92
C LEU A 46 -0.38 30.49 -16.07
N ASP A 47 0.86 30.97 -15.95
CA ASP A 47 1.13 32.20 -15.19
C ASP A 47 0.24 33.30 -15.74
N ARG A 48 0.27 33.45 -17.07
CA ARG A 48 -0.46 34.50 -17.73
C ARG A 48 -1.96 34.36 -17.45
N LEU A 49 -2.47 33.13 -17.59
CA LEU A 49 -3.90 32.89 -17.36
C LEU A 49 -4.35 33.16 -15.94
N PHE A 50 -3.60 32.66 -14.95
CA PHE A 50 -4.00 32.90 -13.58
C PHE A 50 -3.86 34.39 -13.21
N SER A 51 -2.84 35.04 -13.76
CA SER A 51 -2.67 36.49 -13.58
C SER A 51 -3.97 37.19 -14.00
N SER A 52 -4.45 36.84 -15.19
N SER A 52 -4.46 36.83 -15.19
CA SER A 52 -5.67 37.44 -15.71
CA SER A 52 -5.68 37.44 -15.72
C SER A 52 -6.86 37.09 -14.81
C SER A 52 -6.91 37.07 -14.89
N LEU A 53 -6.97 35.81 -14.46
CA LEU A 53 -8.09 35.37 -13.66
C LEU A 53 -8.25 36.15 -12.36
N HIS A 54 -7.12 36.53 -11.76
CA HIS A 54 -7.17 37.21 -10.46
C HIS A 54 -7.47 38.69 -10.54
N SER A 55 -7.30 39.27 -11.73
CA SER A 55 -7.45 40.71 -11.90
C SER A 55 -8.89 41.16 -12.13
N SER A 56 -9.09 42.47 -12.19
CA SER A 56 -10.39 43.04 -12.53
C SER A 56 -10.51 43.08 -14.05
N ASN A 57 -9.43 42.70 -14.72
CA ASN A 57 -9.39 42.58 -16.18
C ASN A 57 -9.26 41.11 -16.53
N ASP A 58 -10.21 40.31 -16.04
CA ASP A 58 -10.24 38.88 -16.29
C ASP A 58 -10.76 38.63 -17.72
N THR A 59 -9.85 38.25 -18.61
CA THR A 59 -10.22 37.95 -19.98
C THR A 59 -9.96 36.49 -20.28
N VAL A 60 -10.14 35.63 -19.27
CA VAL A 60 -9.99 34.21 -19.48
C VAL A 60 -11.20 33.67 -20.23
N PRO A 61 -10.97 33.00 -21.37
CA PRO A 61 -12.09 32.38 -22.06
C PRO A 61 -12.94 31.58 -21.09
N ILE A 62 -14.25 31.72 -21.18
CA ILE A 62 -15.14 30.96 -20.29
C ILE A 62 -14.97 29.45 -20.45
N LYS A 63 -14.59 29.01 -21.64
CA LYS A 63 -14.40 27.60 -21.89
C LYS A 63 -13.31 27.04 -20.96
N PHE A 64 -12.45 27.92 -20.44
CA PHE A 64 -11.40 27.44 -19.52
C PHE A 64 -11.79 27.46 -18.04
N LYS A 65 -12.89 28.09 -17.69
CA LYS A 65 -13.23 28.27 -16.28
C LYS A 65 -14.17 27.19 -15.82
N LYS A 66 -13.84 26.58 -14.67
CA LYS A 66 -14.70 25.55 -14.11
C LYS A 66 -14.73 25.69 -12.63
N CYS A 67 -15.70 25.02 -12.02
CA CYS A 67 -15.65 24.83 -10.58
C CYS A 67 -15.29 23.37 -10.33
N CYS A 68 -14.28 23.19 -9.48
N CYS A 68 -14.28 23.12 -9.51
CA CYS A 68 -13.79 21.86 -9.08
CA CYS A 68 -14.00 21.71 -9.18
C CYS A 68 -14.31 21.58 -7.66
C CYS A 68 -14.47 21.46 -7.77
N TYR A 69 -14.86 20.39 -7.46
N TYR A 69 -14.69 20.21 -7.44
CA TYR A 69 -15.35 19.97 -6.13
CA TYR A 69 -15.11 19.89 -6.09
C TYR A 69 -15.14 18.46 -5.96
C TYR A 69 -14.90 18.43 -5.92
N GLY A 70 -15.19 17.96 -4.73
CA GLY A 70 -15.05 16.54 -4.47
C GLY A 70 -14.14 16.22 -3.28
N TYR A 71 -13.90 14.93 -3.07
CA TYR A 71 -13.15 14.47 -1.92
C TYR A 71 -11.79 15.16 -1.85
N CYS A 72 -11.07 15.19 -2.99
CA CYS A 72 -9.70 15.75 -2.97
C CYS A 72 -9.71 17.26 -2.87
N ILE A 73 -10.78 17.90 -3.32
CA ILE A 73 -10.85 19.34 -3.18
C ILE A 73 -11.14 19.72 -1.76
N ASP A 74 -12.03 18.98 -1.08
CA ASP A 74 -12.22 19.19 0.36
C ASP A 74 -10.89 19.00 1.13
N LEU A 75 -10.14 17.98 0.75
CA LEU A 75 -8.82 17.71 1.39
C LEU A 75 -7.87 18.88 1.15
N LEU A 76 -7.80 19.35 -0.09
CA LEU A 76 -6.92 20.46 -0.46
C LEU A 76 -7.28 21.73 0.30
N GLU A 77 -8.58 22.05 0.41
CA GLU A 77 -8.97 23.26 1.16
C GLU A 77 -8.54 23.17 2.61
N GLN A 78 -8.67 21.98 3.20
CA GLN A 78 -8.30 21.85 4.61
C GLN A 78 -6.78 22.01 4.78
N LEU A 79 -6.01 21.38 3.86
CA LEU A 79 -4.55 21.55 3.89
C LEU A 79 -4.18 23.04 3.72
N ALA A 80 -4.85 23.74 2.80
CA ALA A 80 -4.49 25.16 2.60
C ALA A 80 -4.71 25.97 3.86
N GLU A 81 -5.78 25.67 4.58
N GLU A 81 -5.79 25.68 4.57
CA GLU A 81 -6.10 26.37 5.83
CA GLU A 81 -6.06 26.38 5.82
C GLU A 81 -5.10 26.05 6.94
C GLU A 81 -4.96 26.07 6.82
N ASP A 82 -4.72 24.79 7.06
CA ASP A 82 -3.78 24.37 8.10
C ASP A 82 -2.35 24.71 7.85
N MET A 83 -1.94 24.73 6.57
CA MET A 83 -0.58 25.09 6.25
C MET A 83 -0.45 26.54 5.84
N ASN A 84 -1.58 27.24 5.83
CA ASN A 84 -1.60 28.65 5.50
C ASN A 84 -1.00 28.94 4.14
N PHE A 85 -1.47 28.24 3.12
CA PHE A 85 -1.12 28.61 1.77
C PHE A 85 -2.37 28.94 0.94
N ASP A 86 -2.19 29.72 -0.12
N ASP A 86 -2.14 29.71 -0.13
CA ASP A 86 -3.30 29.79 -1.07
CA ASP A 86 -3.15 30.00 -1.15
C ASP A 86 -2.84 29.13 -2.34
C ASP A 86 -2.82 29.09 -2.34
N PHE A 87 -3.76 28.92 -3.26
CA PHE A 87 -3.43 28.11 -4.45
C PHE A 87 -4.20 28.51 -5.67
N ASP A 88 -3.61 28.16 -6.82
CA ASP A 88 -4.29 28.20 -8.11
C ASP A 88 -4.43 26.75 -8.50
N LEU A 89 -5.56 26.40 -9.11
CA LEU A 89 -5.84 25.02 -9.43
C LEU A 89 -6.14 24.88 -10.92
N TYR A 90 -5.46 23.93 -11.58
CA TYR A 90 -5.75 23.68 -13.00
C TYR A 90 -5.79 22.19 -13.29
N ILE A 91 -6.50 21.84 -14.37
N ILE A 91 -6.48 21.85 -14.38
CA ILE A 91 -6.67 20.47 -14.82
CA ILE A 91 -6.64 20.47 -14.81
C ILE A 91 -5.55 20.08 -15.80
C ILE A 91 -5.55 20.08 -15.80
N VAL A 92 -4.90 18.95 -15.53
CA VAL A 92 -3.76 18.50 -16.35
C VAL A 92 -4.17 18.46 -17.83
N GLY A 93 -3.32 19.05 -18.67
CA GLY A 93 -3.69 19.25 -20.07
C GLY A 93 -3.93 17.98 -20.87
N ASP A 94 -3.14 16.95 -20.63
CA ASP A 94 -3.27 15.70 -21.40
C ASP A 94 -4.24 14.72 -20.76
N GLY A 95 -4.81 15.09 -19.61
CA GLY A 95 -5.81 14.24 -18.91
C GLY A 95 -5.29 12.95 -18.33
N LYS A 96 -3.96 12.82 -18.28
CA LYS A 96 -3.33 11.57 -17.79
C LYS A 96 -2.66 11.66 -16.44
N TYR A 97 -2.67 10.55 -15.72
CA TYR A 97 -1.97 10.51 -14.42
C TYR A 97 -0.45 10.57 -14.67
N GLY A 98 0.04 9.82 -15.63
CA GLY A 98 1.42 9.94 -16.04
C GLY A 98 2.16 8.64 -16.19
N ALA A 99 2.93 8.57 -17.27
CA ALA A 99 3.74 7.39 -17.55
C ALA A 99 5.02 7.82 -18.25
N TRP A 100 5.97 6.92 -18.27
CA TRP A 100 7.21 7.16 -18.97
C TRP A 100 6.97 6.75 -20.42
N LYS A 101 6.94 7.73 -21.31
CA LYS A 101 6.61 7.44 -22.71
C LYS A 101 7.48 8.33 -23.58
N ASN A 102 8.14 7.72 -24.56
CA ASN A 102 9.00 8.46 -25.48
C ASN A 102 10.00 9.35 -24.76
N GLY A 103 10.65 8.81 -23.75
CA GLY A 103 11.74 9.52 -23.06
C GLY A 103 11.39 10.64 -22.10
N HIS A 104 10.12 10.76 -21.72
N HIS A 104 10.10 10.77 -21.76
CA HIS A 104 9.76 11.73 -20.70
CA HIS A 104 9.68 11.79 -20.81
C HIS A 104 8.57 11.21 -19.92
C HIS A 104 8.46 11.30 -20.01
N TRP A 105 8.23 11.91 -18.85
CA TRP A 105 7.03 11.60 -18.08
C TRP A 105 5.89 12.47 -18.54
N THR A 106 4.72 11.83 -18.67
CA THR A 106 3.53 12.54 -19.11
C THR A 106 2.66 12.91 -17.90
N GLY A 107 1.50 13.52 -18.18
CA GLY A 107 0.49 13.79 -17.14
C GLY A 107 0.94 14.54 -15.91
N LEU A 108 0.38 14.17 -14.76
CA LEU A 108 0.69 14.86 -13.52
C LEU A 108 2.17 14.76 -13.19
N VAL A 109 2.75 13.59 -13.44
CA VAL A 109 4.18 13.40 -13.10
C VAL A 109 5.01 14.38 -13.92
N GLY A 110 4.71 14.51 -15.20
CA GLY A 110 5.45 15.43 -16.04
C GLY A 110 5.36 16.87 -15.57
N ASP A 111 4.17 17.32 -15.16
CA ASP A 111 4.01 18.73 -14.77
C ASP A 111 4.78 18.99 -13.46
N LEU A 112 4.85 17.99 -12.57
CA LEU A 112 5.68 18.18 -11.37
C LEU A 112 7.16 18.23 -11.72
N LEU A 113 7.61 17.37 -12.64
CA LEU A 113 9.03 17.36 -12.99
C LEU A 113 9.47 18.59 -13.79
N SER A 114 8.56 19.20 -14.54
CA SER A 114 8.93 20.39 -15.31
C SER A 114 8.78 21.67 -14.50
N GLY A 115 8.14 21.56 -13.34
CA GLY A 115 7.88 22.71 -12.49
C GLY A 115 6.64 23.48 -12.91
N THR A 116 5.85 22.88 -13.78
CA THR A 116 4.64 23.55 -14.25
C THR A 116 3.61 23.55 -13.13
N ALA A 117 3.64 22.52 -12.28
CA ALA A 117 2.78 22.48 -11.09
C ALA A 117 3.70 22.34 -9.90
N ASN A 118 3.30 22.94 -8.78
CA ASN A 118 4.05 22.72 -7.53
C ASN A 118 3.60 21.45 -6.78
N MET A 119 2.38 21.02 -7.01
CA MET A 119 1.78 19.92 -6.23
C MET A 119 0.68 19.32 -7.08
N ALA A 120 0.43 18.01 -6.94
CA ALA A 120 -0.65 17.35 -7.69
C ALA A 120 -1.59 16.73 -6.66
N VAL A 121 -2.90 17.03 -6.81
CA VAL A 121 -3.90 16.54 -5.88
C VAL A 121 -5.09 15.93 -6.63
N THR A 122 -5.21 14.60 -6.52
CA THR A 122 -6.29 13.84 -7.13
C THR A 122 -6.12 12.38 -6.68
N SER A 123 -6.83 11.45 -7.30
CA SER A 123 -6.71 10.03 -6.96
C SER A 123 -5.43 9.49 -7.61
N PHE A 124 -4.27 9.90 -7.08
CA PHE A 124 -2.96 9.68 -7.76
C PHE A 124 -2.24 8.54 -7.09
N SER A 125 -2.01 7.45 -7.82
CA SER A 125 -1.42 6.26 -7.19
C SER A 125 0.09 6.36 -6.97
N ILE A 126 0.49 5.90 -5.81
CA ILE A 126 1.91 5.80 -5.44
C ILE A 126 2.39 4.44 -5.97
N ASN A 127 3.34 4.44 -6.88
CA ASN A 127 3.91 3.19 -7.36
C ASN A 127 5.42 3.30 -7.35
N THR A 128 6.10 2.19 -7.59
CA THR A 128 7.55 2.23 -7.50
C THR A 128 8.16 3.15 -8.53
N ALA A 129 7.69 3.08 -9.78
CA ALA A 129 8.37 3.86 -10.79
C ALA A 129 8.25 5.35 -10.54
N ARG A 130 7.04 5.80 -10.19
CA ARG A 130 6.86 7.23 -9.90
C ARG A 130 7.65 7.64 -8.66
N SER A 131 7.75 6.72 -7.70
CA SER A 131 8.48 7.02 -6.47
C SER A 131 9.97 7.30 -6.68
N GLN A 132 10.50 6.91 -7.85
CA GLN A 132 11.92 7.15 -8.10
C GLN A 132 12.13 8.61 -8.54
N VAL A 133 11.05 9.28 -8.96
CA VAL A 133 11.24 10.60 -9.57
C VAL A 133 10.48 11.77 -8.92
N ILE A 134 9.38 11.50 -8.23
CA ILE A 134 8.66 12.57 -7.50
C ILE A 134 8.47 12.14 -6.05
N ASP A 135 8.25 13.10 -5.19
CA ASP A 135 7.86 12.80 -3.82
C ASP A 135 6.35 12.49 -3.75
N PHE A 136 5.99 11.56 -2.85
CA PHE A 136 4.60 11.39 -2.48
C PHE A 136 4.49 11.61 -0.98
N THR A 137 3.39 12.23 -0.57
CA THR A 137 3.08 12.28 0.84
C THR A 137 2.63 10.92 1.31
N SER A 138 2.42 10.83 2.62
N SER A 138 2.51 10.76 2.63
CA SER A 138 1.72 9.70 3.20
CA SER A 138 1.88 9.53 3.13
C SER A 138 0.41 9.50 2.44
C SER A 138 0.50 9.47 2.46
N PRO A 139 -0.01 8.26 2.29
CA PRO A 139 -1.24 8.07 1.52
C PRO A 139 -2.50 8.50 2.28
N PHE A 140 -3.48 9.02 1.56
CA PHE A 140 -4.75 9.38 2.17
C PHE A 140 -5.85 8.37 1.83
N PHE A 141 -5.51 7.38 0.99
CA PHE A 141 -6.47 6.35 0.53
C PHE A 141 -5.66 5.17 0.02
N SER A 142 -6.30 4.02 -0.06
CA SER A 142 -5.61 2.84 -0.59
C SER A 142 -6.62 2.07 -1.41
N THR A 143 -6.17 1.49 -2.51
CA THR A 143 -7.05 0.70 -3.37
C THR A 143 -6.34 -0.43 -4.11
N SER A 144 -7.01 -1.57 -4.25
CA SER A 144 -6.57 -2.61 -5.18
C SER A 144 -6.90 -2.15 -6.59
N LEU A 145 -6.25 -2.73 -7.59
CA LEU A 145 -6.84 -2.66 -8.94
C LEU A 145 -8.09 -3.55 -8.92
N GLY A 146 -9.00 -3.25 -9.84
CA GLY A 146 -10.23 -4.00 -9.95
C GLY A 146 -10.60 -4.33 -11.38
N ILE A 147 -11.62 -5.15 -11.53
CA ILE A 147 -12.07 -5.54 -12.87
C ILE A 147 -13.58 -5.39 -12.93
N LEU A 148 -14.05 -4.48 -13.78
CA LEU A 148 -15.47 -4.20 -13.92
C LEU A 148 -16.04 -5.04 -15.06
N VAL A 149 -17.18 -5.70 -14.81
CA VAL A 149 -17.87 -6.48 -15.83
C VAL A 149 -19.38 -6.28 -15.71
N ARG A 150 -20.16 -6.76 -16.67
CA ARG A 150 -21.60 -6.74 -16.51
C ARG A 150 -22.07 -7.95 -15.73
N THR A 151 -23.17 -7.76 -15.01
CA THR A 151 -23.84 -8.88 -14.36
C THR A 151 -24.24 -9.90 -15.43
N ARG A 152 -24.05 -11.18 -15.14
CA ARG A 152 -24.36 -12.24 -16.10
C ARG A 152 -23.56 -12.07 -17.41
N GLY A 153 -22.40 -11.43 -17.31
CA GLY A 153 -21.51 -11.20 -18.46
C GLY A 153 -20.21 -11.96 -18.27
N THR A 154 -19.07 -11.29 -18.49
CA THR A 154 -17.76 -11.95 -18.32
C THR A 154 -17.51 -12.26 -16.85
N GLU A 155 -17.02 -13.47 -16.57
CA GLU A 155 -16.66 -13.88 -15.20
C GLU A 155 -15.15 -14.10 -15.16
N LEU A 156 -14.48 -13.60 -14.11
CA LEU A 156 -13.02 -13.69 -14.04
C LEU A 156 -12.59 -13.91 -12.60
N SER A 157 -11.54 -14.69 -12.42
CA SER A 157 -11.05 -15.00 -11.08
C SER A 157 -10.19 -13.89 -10.49
N GLY A 158 -9.72 -13.00 -11.36
CA GLY A 158 -8.70 -12.02 -10.99
C GLY A 158 -7.74 -11.86 -12.16
N ILE A 159 -6.61 -11.21 -11.92
CA ILE A 159 -5.71 -10.84 -13.03
C ILE A 159 -4.97 -12.05 -13.64
N HIS A 160 -5.03 -13.20 -12.97
CA HIS A 160 -4.42 -14.42 -13.47
C HIS A 160 -5.38 -15.32 -14.25
N ASP A 161 -6.62 -14.88 -14.43
CA ASP A 161 -7.58 -15.70 -15.17
C ASP A 161 -7.06 -16.01 -16.58
N PRO A 162 -7.04 -17.30 -16.98
CA PRO A 162 -6.62 -17.66 -18.34
C PRO A 162 -7.37 -16.90 -19.43
N LYS A 163 -8.61 -16.47 -19.17
CA LYS A 163 -9.38 -15.74 -20.20
C LYS A 163 -8.68 -14.44 -20.59
N LEU A 164 -7.92 -13.87 -19.66
CA LEU A 164 -7.15 -12.67 -19.93
C LEU A 164 -5.83 -12.98 -20.63
N HIS A 165 -5.26 -14.15 -20.34
CA HIS A 165 -3.93 -14.47 -20.84
C HIS A 165 -3.92 -15.24 -22.14
N HIS A 166 -5.03 -15.91 -22.44
CA HIS A 166 -5.23 -16.59 -23.72
C HIS A 166 -6.63 -16.21 -24.16
N PRO A 167 -6.79 -14.97 -24.63
CA PRO A 167 -8.08 -14.41 -24.91
C PRO A 167 -8.73 -15.04 -26.11
N SER A 168 -10.04 -15.24 -26.04
N SER A 168 -10.04 -15.24 -26.04
CA SER A 168 -10.80 -15.72 -27.19
CA SER A 168 -10.79 -15.71 -27.19
C SER A 168 -10.94 -14.59 -28.21
C SER A 168 -10.92 -14.58 -28.21
N GLN A 169 -11.23 -14.93 -29.45
CA GLN A 169 -11.39 -13.93 -30.47
C GLN A 169 -12.51 -12.98 -30.03
N GLY A 170 -12.26 -11.68 -30.12
CA GLY A 170 -13.30 -10.70 -29.81
C GLY A 170 -13.51 -10.40 -28.34
N PHE A 171 -12.65 -10.94 -27.48
CA PHE A 171 -12.73 -10.66 -26.03
C PHE A 171 -11.97 -9.36 -25.77
N ARG A 172 -12.74 -8.34 -25.39
CA ARG A 172 -12.24 -6.99 -25.36
C ARG A 172 -12.09 -6.53 -23.94
N PHE A 173 -10.86 -6.24 -23.55
CA PHE A 173 -10.62 -5.70 -22.21
C PHE A 173 -9.49 -4.70 -22.29
N GLY A 174 -9.59 -3.68 -21.47
CA GLY A 174 -8.61 -2.59 -21.53
C GLY A 174 -8.53 -1.90 -20.17
N THR A 175 -7.60 -0.97 -20.09
CA THR A 175 -7.40 -0.13 -18.90
C THR A 175 -7.26 1.33 -19.34
N VAL A 176 -6.91 2.21 -18.41
CA VAL A 176 -6.74 3.63 -18.76
C VAL A 176 -5.29 3.87 -19.21
N ARG A 177 -5.14 4.53 -20.34
CA ARG A 177 -3.81 4.81 -20.83
C ARG A 177 -3.03 5.66 -19.83
N GLU A 178 -1.74 5.35 -19.69
CA GLU A 178 -0.81 6.16 -18.88
C GLU A 178 -1.23 6.27 -17.42
N SER A 179 -1.88 5.20 -16.95
CA SER A 179 -2.22 5.07 -15.53
C SER A 179 -1.32 4.05 -14.85
N SER A 180 -1.38 4.00 -13.52
N SER A 180 -1.37 4.01 -13.52
CA SER A 180 -0.61 3.02 -12.77
CA SER A 180 -0.61 3.02 -12.81
C SER A 180 -1.09 1.58 -13.04
C SER A 180 -1.04 1.62 -13.22
N ALA A 181 -2.33 1.43 -13.51
CA ALA A 181 -2.81 0.11 -13.90
C ALA A 181 -2.10 -0.35 -15.19
N GLU A 182 -1.95 0.55 -16.15
N GLU A 182 -1.97 0.58 -16.13
CA GLU A 182 -1.25 0.16 -17.37
CA GLU A 182 -1.30 0.29 -17.40
C GLU A 182 0.21 -0.18 -17.04
C GLU A 182 0.18 0.00 -17.14
N ASP A 183 0.84 0.62 -16.19
N ASP A 183 0.77 0.65 -16.14
CA ASP A 183 2.23 0.34 -15.83
CA ASP A 183 2.16 0.34 -15.79
C ASP A 183 2.37 -1.03 -15.14
C ASP A 183 2.28 -1.07 -15.26
N TYR A 184 1.41 -1.38 -14.32
CA TYR A 184 1.43 -2.70 -13.68
C TYR A 184 1.34 -3.82 -14.71
N VAL A 185 0.40 -3.72 -15.65
CA VAL A 185 0.25 -4.78 -16.64
C VAL A 185 1.48 -4.83 -17.53
N ARG A 186 1.97 -3.65 -17.93
CA ARG A 186 3.12 -3.59 -18.80
C ARG A 186 4.32 -4.31 -18.18
N GLN A 187 4.54 -4.10 -16.89
N GLN A 187 4.55 -4.07 -16.89
CA GLN A 187 5.69 -4.68 -16.20
CA GLN A 187 5.69 -4.72 -16.23
C GLN A 187 5.52 -6.13 -15.75
C GLN A 187 5.46 -6.20 -16.00
N SER A 188 4.29 -6.53 -15.45
CA SER A 188 4.03 -7.91 -15.01
C SER A 188 3.59 -8.88 -16.09
N PHE A 189 2.84 -8.38 -17.07
CA PHE A 189 2.28 -9.23 -18.11
C PHE A 189 2.44 -8.58 -19.47
N PRO A 190 3.67 -8.55 -19.98
CA PRO A 190 3.92 -7.87 -21.26
C PRO A 190 3.05 -8.29 -22.40
N GLU A 191 2.76 -9.59 -22.54
CA GLU A 191 1.93 -10.04 -23.67
C GLU A 191 0.49 -9.56 -23.52
N MET A 192 0.00 -9.52 -22.29
N MET A 192 0.00 -9.50 -22.30
CA MET A 192 -1.33 -9.01 -22.01
CA MET A 192 -1.35 -9.01 -22.09
C MET A 192 -1.38 -7.53 -22.33
C MET A 192 -1.40 -7.51 -22.31
N HIS A 193 -0.32 -6.81 -21.96
CA HIS A 193 -0.24 -5.37 -22.20
C HIS A 193 -0.35 -5.10 -23.72
N GLU A 194 0.37 -5.88 -24.49
N GLU A 194 0.34 -5.88 -24.52
CA GLU A 194 0.27 -5.73 -25.94
CA GLU A 194 0.26 -5.70 -25.98
C GLU A 194 -1.16 -5.91 -26.42
C GLU A 194 -1.12 -6.03 -26.57
N TYR A 195 -1.81 -6.98 -25.96
CA TYR A 195 -3.16 -7.35 -26.39
C TYR A 195 -4.14 -6.22 -26.07
N MET A 196 -3.94 -5.62 -24.91
CA MET A 196 -4.82 -4.56 -24.43
C MET A 196 -4.68 -3.25 -25.16
N ARG A 197 -3.57 -3.03 -25.86
CA ARG A 197 -3.29 -1.70 -26.42
C ARG A 197 -4.47 -1.15 -27.22
N ARG A 198 -5.05 -1.98 -28.06
CA ARG A 198 -6.15 -1.53 -28.92
C ARG A 198 -7.45 -1.22 -28.18
N TYR A 199 -7.52 -1.66 -26.91
CA TYR A 199 -8.74 -1.53 -26.12
C TYR A 199 -8.59 -0.50 -25.00
N ASN A 200 -7.38 -0.03 -24.73
CA ASN A 200 -7.23 0.95 -23.66
C ASN A 200 -7.91 2.27 -24.01
N VAL A 201 -8.25 3.03 -22.98
CA VAL A 201 -9.06 4.23 -23.15
C VAL A 201 -8.37 5.43 -22.52
N PRO A 202 -8.75 6.65 -22.95
CA PRO A 202 -8.05 7.82 -22.42
C PRO A 202 -8.33 8.13 -20.95
N ALA A 203 -9.50 7.73 -20.46
CA ALA A 203 -9.91 8.11 -19.12
C ALA A 203 -10.89 7.11 -18.55
N THR A 204 -10.94 7.03 -17.24
CA THR A 204 -11.82 6.08 -16.58
C THR A 204 -13.30 6.10 -17.03
N PRO A 205 -13.92 7.29 -17.16
CA PRO A 205 -15.32 7.29 -17.58
C PRO A 205 -15.52 6.63 -18.94
N ASP A 206 -14.53 6.70 -19.82
CA ASP A 206 -14.66 6.08 -21.14
C ASP A 206 -14.76 4.56 -20.99
N GLY A 207 -13.89 4.00 -20.15
CA GLY A 207 -13.92 2.54 -19.93
C GLY A 207 -15.23 2.14 -19.28
N VAL A 208 -15.69 2.91 -18.30
CA VAL A 208 -16.97 2.57 -17.68
C VAL A 208 -18.12 2.59 -18.69
N GLN A 209 -18.13 3.62 -19.53
CA GLN A 209 -19.19 3.78 -20.54
C GLN A 209 -19.14 2.64 -21.56
N TYR A 210 -17.92 2.29 -21.95
CA TYR A 210 -17.76 1.22 -22.94
C TYR A 210 -18.21 -0.15 -22.43
N LEU A 211 -18.09 -0.36 -21.13
CA LEU A 211 -18.53 -1.59 -20.51
C LEU A 211 -20.03 -1.55 -20.23
N LYS A 212 -20.50 -0.45 -19.62
CA LYS A 212 -21.87 -0.32 -19.10
C LYS A 212 -22.98 -0.07 -20.13
N ASN A 213 -22.68 0.82 -21.08
CA ASN A 213 -23.69 1.28 -22.02
C ASN A 213 -23.72 0.43 -23.27
N ASP A 214 -24.84 0.45 -23.98
CA ASP A 214 -24.98 -0.19 -25.29
C ASP A 214 -24.80 0.91 -26.33
N PRO A 215 -24.09 0.61 -27.44
CA PRO A 215 -23.51 -0.68 -27.80
C PRO A 215 -22.26 -0.97 -26.98
N GLU A 216 -22.17 -2.20 -26.46
CA GLU A 216 -21.07 -2.58 -25.59
C GLU A 216 -19.75 -2.62 -26.37
N LYS A 217 -18.73 -1.93 -25.87
CA LYS A 217 -17.42 -1.85 -26.52
C LYS A 217 -16.29 -2.56 -25.77
N LEU A 218 -16.53 -2.86 -24.50
CA LEU A 218 -15.61 -3.67 -23.70
C LEU A 218 -16.34 -4.75 -22.96
N ASP A 219 -15.69 -5.90 -22.81
CA ASP A 219 -16.25 -7.01 -22.02
C ASP A 219 -15.79 -6.95 -20.55
N ALA A 220 -14.64 -6.30 -20.33
CA ALA A 220 -14.13 -6.07 -18.97
C ALA A 220 -13.26 -4.83 -19.01
N PHE A 221 -13.22 -4.13 -17.89
CA PHE A 221 -12.44 -2.88 -17.78
C PHE A 221 -11.64 -2.93 -16.49
N ILE A 222 -10.31 -2.76 -16.59
CA ILE A 222 -9.42 -2.87 -15.42
C ILE A 222 -8.99 -1.48 -15.00
N MET A 223 -9.26 -1.13 -13.74
CA MET A 223 -8.85 0.19 -13.25
C MET A 223 -8.94 0.14 -11.72
N ASP A 224 -8.44 1.18 -11.07
CA ASP A 224 -8.50 1.27 -9.59
C ASP A 224 -9.87 0.79 -9.07
N LYS A 225 -9.88 -0.10 -8.08
CA LYS A 225 -11.15 -0.62 -7.58
C LYS A 225 -11.96 0.44 -6.89
N ALA A 226 -11.30 1.40 -6.23
CA ALA A 226 -12.06 2.46 -5.56
C ALA A 226 -12.91 3.23 -6.56
N LEU A 227 -12.39 3.37 -7.79
CA LEU A 227 -13.13 4.17 -8.78
C LEU A 227 -14.24 3.32 -9.36
N LEU A 228 -13.94 2.04 -9.58
CA LEU A 228 -14.94 1.14 -10.12
C LEU A 228 -16.08 0.93 -9.13
N ASP A 229 -15.73 0.82 -7.84
CA ASP A 229 -16.76 0.59 -6.81
C ASP A 229 -17.69 1.78 -6.74
N TYR A 230 -17.15 3.00 -6.92
CA TYR A 230 -18.03 4.17 -6.95
C TYR A 230 -19.05 4.04 -8.08
N GLU A 231 -18.58 3.65 -9.27
CA GLU A 231 -19.50 3.51 -10.39
C GLU A 231 -20.53 2.40 -10.16
N VAL A 232 -20.10 1.31 -9.54
CA VAL A 232 -21.05 0.24 -9.21
C VAL A 232 -22.13 0.76 -8.26
N SER A 233 -21.73 1.59 -7.31
CA SER A 233 -22.66 2.05 -6.27
C SER A 233 -23.72 3.01 -6.81
N ILE A 234 -23.42 3.68 -7.93
CA ILE A 234 -24.41 4.57 -8.53
C ILE A 234 -25.06 3.92 -9.75
N ASP A 235 -24.84 2.63 -9.93
CA ASP A 235 -25.44 1.93 -11.06
C ASP A 235 -26.91 1.76 -10.71
N ALA A 236 -27.77 2.39 -11.49
CA ALA A 236 -29.20 2.39 -11.21
C ALA A 236 -29.80 1.00 -11.43
N ASP A 237 -29.48 0.43 -12.58
CA ASP A 237 -30.01 -0.86 -12.98
C ASP A 237 -29.32 -2.04 -12.29
N CYS A 238 -28.34 -1.74 -11.43
CA CYS A 238 -27.58 -2.78 -10.75
C CYS A 238 -27.16 -3.88 -11.73
N LYS A 239 -26.48 -3.47 -12.80
CA LYS A 239 -26.07 -4.34 -13.90
C LYS A 239 -24.55 -4.39 -14.04
N LEU A 240 -23.85 -3.87 -13.05
CA LEU A 240 -22.38 -3.83 -13.08
C LEU A 240 -21.88 -4.52 -11.84
N LEU A 241 -20.72 -5.15 -11.95
CA LEU A 241 -20.05 -5.60 -10.75
C LEU A 241 -18.55 -5.64 -10.89
N THR A 242 -17.86 -5.72 -9.76
CA THR A 242 -16.42 -5.91 -9.78
C THR A 242 -16.15 -7.36 -9.40
N VAL A 243 -15.15 -7.96 -10.02
CA VAL A 243 -14.91 -9.37 -9.83
C VAL A 243 -13.44 -9.69 -9.55
N GLY A 244 -13.21 -10.86 -8.97
CA GLY A 244 -11.85 -11.36 -8.80
C GLY A 244 -11.10 -10.96 -7.55
N LYS A 245 -9.95 -11.61 -7.34
CA LYS A 245 -9.10 -11.37 -6.17
C LYS A 245 -8.41 -10.01 -6.27
N PRO A 246 -8.01 -9.43 -5.13
CA PRO A 246 -7.30 -8.16 -5.19
C PRO A 246 -5.95 -8.33 -5.89
N PHE A 247 -5.44 -7.24 -6.43
CA PHE A 247 -4.11 -7.24 -7.00
C PHE A 247 -3.61 -5.83 -7.11
N ALA A 248 -2.27 -5.69 -7.06
CA ALA A 248 -1.64 -4.38 -7.30
C ALA A 248 -2.20 -3.26 -6.43
N ILE A 249 -2.25 -3.53 -5.12
CA ILE A 249 -2.73 -2.54 -4.17
C ILE A 249 -1.75 -1.37 -4.03
N GLU A 250 -2.29 -0.15 -4.15
CA GLU A 250 -1.49 1.07 -4.09
C GLU A 250 -2.21 2.12 -3.27
N GLY A 251 -1.42 2.96 -2.63
CA GLY A 251 -2.01 4.14 -1.96
C GLY A 251 -2.22 5.30 -2.92
N TYR A 252 -3.12 6.23 -2.55
CA TYR A 252 -3.23 7.50 -3.25
C TYR A 252 -2.50 8.51 -2.40
N GLY A 253 -1.65 9.33 -3.02
CA GLY A 253 -0.90 10.35 -2.25
C GLY A 253 -0.88 11.65 -3.01
N ILE A 254 -0.50 12.71 -2.31
CA ILE A 254 -0.27 13.99 -2.97
C ILE A 254 1.15 13.98 -3.54
N GLY A 255 1.29 14.47 -4.76
CA GLY A 255 2.59 14.44 -5.46
C GLY A 255 3.27 15.79 -5.39
N LEU A 256 4.59 15.78 -5.16
CA LEU A 256 5.39 16.99 -5.07
C LEU A 256 6.70 16.71 -5.80
N PRO A 257 7.46 17.76 -6.10
CA PRO A 257 8.77 17.48 -6.69
C PRO A 257 9.64 16.67 -5.70
N PRO A 258 10.66 15.96 -6.23
CA PRO A 258 11.48 15.16 -5.33
C PRO A 258 12.20 16.04 -4.33
N ASN A 259 12.28 15.55 -3.10
CA ASN A 259 12.94 16.26 -2.02
C ASN A 259 12.32 17.63 -1.72
N SER A 260 11.03 17.78 -1.98
CA SER A 260 10.34 19.03 -1.59
C SER A 260 10.35 19.21 -0.08
N PRO A 261 10.61 20.43 0.39
CA PRO A 261 10.46 20.65 1.83
C PRO A 261 9.01 20.69 2.31
N LEU A 262 8.04 20.66 1.40
CA LEU A 262 6.64 20.66 1.82
C LEU A 262 6.11 19.28 2.16
N THR A 263 6.76 18.25 1.63
CA THR A 263 6.20 16.92 1.72
C THR A 263 5.98 16.47 3.18
N SER A 264 6.97 16.68 4.04
CA SER A 264 6.80 16.19 5.40
C SER A 264 5.66 16.88 6.12
N ASN A 265 5.48 18.18 5.87
N ASN A 265 5.48 18.18 5.86
CA ASN A 265 4.40 18.92 6.55
CA ASN A 265 4.41 18.91 6.53
C ASN A 265 3.03 18.49 6.08
C ASN A 265 3.06 18.43 6.08
N ILE A 266 2.90 18.22 4.78
CA ILE A 266 1.64 17.73 4.26
C ILE A 266 1.36 16.32 4.74
N SER A 267 2.38 15.46 4.78
CA SER A 267 2.21 14.13 5.33
C SER A 267 1.77 14.13 6.79
N GLU A 268 2.33 15.03 7.58
N GLU A 268 2.34 15.01 7.61
CA GLU A 268 1.96 15.13 8.98
CA GLU A 268 1.94 15.06 9.01
C GLU A 268 0.48 15.40 9.07
C GLU A 268 0.48 15.49 9.17
N LEU A 269 0.03 16.38 8.29
CA LEU A 269 -1.40 16.77 8.34
C LEU A 269 -2.30 15.63 7.86
N ILE A 270 -1.89 14.94 6.79
CA ILE A 270 -2.72 13.83 6.29
C ILE A 270 -2.82 12.77 7.39
N SER A 271 -1.72 12.48 8.07
N SER A 271 -1.72 12.50 8.08
CA SER A 271 -1.73 11.47 9.11
CA SER A 271 -1.71 11.55 9.19
C SER A 271 -2.64 11.89 10.27
C SER A 271 -2.66 12.01 10.29
N GLN A 272 -2.61 13.18 10.62
N GLN A 272 -2.61 13.29 10.61
CA GLN A 272 -3.50 13.70 11.66
CA GLN A 272 -3.48 13.87 11.63
C GLN A 272 -4.97 13.64 11.22
C GLN A 272 -4.95 13.74 11.24
N TYR A 273 -5.25 14.04 9.98
CA TYR A 273 -6.62 13.97 9.46
C TYR A 273 -7.13 12.54 9.54
N LYS A 274 -6.29 11.58 9.16
CA LYS A 274 -6.72 10.19 9.22
C LYS A 274 -7.03 9.78 10.65
N SER A 275 -6.13 10.11 11.57
N SER A 275 -6.14 10.12 11.58
CA SER A 275 -6.24 9.67 12.96
CA SER A 275 -6.27 9.68 12.97
C SER A 275 -7.28 10.43 13.80
C SER A 275 -7.32 10.41 13.79
N HIS A 276 -7.93 11.42 13.18
CA HIS A 276 -8.98 12.21 13.84
C HIS A 276 -10.29 12.16 13.06
N GLY A 277 -10.39 11.20 12.15
CA GLY A 277 -11.65 10.85 11.50
C GLY A 277 -12.01 11.69 10.30
N PHE A 278 -11.12 12.59 9.87
CA PHE A 278 -11.47 13.46 8.72
C PHE A 278 -11.61 12.67 7.43
N MET A 279 -10.76 11.67 7.25
N MET A 279 -10.76 11.68 7.21
CA MET A 279 -10.87 10.80 6.07
CA MET A 279 -10.90 10.89 6.00
C MET A 279 -12.19 10.09 6.06
C MET A 279 -12.17 10.03 6.04
N ASP A 280 -12.65 9.70 7.24
CA ASP A 280 -13.91 8.96 7.36
C ASP A 280 -15.05 9.89 6.97
N VAL A 281 -14.96 11.14 7.39
CA VAL A 281 -16.00 12.12 7.04
C VAL A 281 -16.01 12.29 5.52
N LEU A 282 -14.81 12.39 4.93
CA LEU A 282 -14.76 12.61 3.46
C LEU A 282 -15.28 11.38 2.72
N HIS A 283 -14.97 10.21 3.24
CA HIS A 283 -15.48 9.01 2.60
C HIS A 283 -17.01 8.98 2.67
N ASP A 284 -17.56 9.27 3.85
N ASP A 284 -17.57 9.25 3.84
CA ASP A 284 -19.01 9.26 4.04
CA ASP A 284 -19.04 9.23 3.95
C ASP A 284 -19.71 10.31 3.16
C ASP A 284 -19.68 10.26 3.04
N LYS A 285 -19.03 11.42 2.93
CA LYS A 285 -19.61 12.49 2.17
C LYS A 285 -19.68 12.12 0.69
N TRP A 286 -18.60 11.53 0.18
CA TRP A 286 -18.48 11.36 -1.27
C TRP A 286 -18.84 9.98 -1.82
N TYR A 287 -18.79 8.97 -0.95
CA TYR A 287 -19.22 7.61 -1.33
C TYR A 287 -20.60 7.27 -0.77
N LYS B 4 -18.69 -16.87 21.80
CA LYS B 4 -17.19 -16.75 21.98
C LYS B 4 -16.31 -17.71 21.16
N LEU B 5 -15.71 -17.12 20.15
CA LEU B 5 -14.87 -17.88 19.25
C LEU B 5 -13.54 -18.12 19.87
N HIS B 6 -12.87 -19.18 19.40
N HIS B 6 -12.93 -19.21 19.43
CA HIS B 6 -11.54 -19.54 19.92
CA HIS B 6 -11.58 -19.50 19.83
C HIS B 6 -10.58 -19.72 18.76
C HIS B 6 -10.77 -19.50 18.57
N LEU B 7 -9.68 -18.74 18.58
CA LEU B 7 -8.80 -18.72 17.42
C LEU B 7 -7.39 -19.12 17.76
N ARG B 8 -6.77 -19.90 16.89
CA ARG B 8 -5.35 -20.18 17.01
C ARG B 8 -4.59 -19.23 16.11
N VAL B 9 -3.78 -18.38 16.73
CA VAL B 9 -3.09 -17.32 16.02
C VAL B 9 -1.61 -17.63 15.86
N VAL B 10 -1.09 -17.52 14.63
CA VAL B 10 0.35 -17.72 14.35
C VAL B 10 1.01 -16.34 14.28
N THR B 11 2.24 -16.24 14.77
CA THR B 11 2.97 -14.97 14.73
C THR B 11 4.42 -15.27 14.35
N LEU B 12 5.20 -14.19 14.23
CA LEU B 12 6.59 -14.27 13.83
C LEU B 12 7.29 -13.15 14.60
N ILE B 13 8.44 -13.44 15.20
CA ILE B 13 9.12 -12.48 16.05
C ILE B 13 9.86 -11.47 15.20
N GLU B 14 9.43 -10.22 15.25
CA GLU B 14 10.02 -9.17 14.43
C GLU B 14 9.84 -7.85 15.14
N HIS B 15 10.95 -7.26 15.53
CA HIS B 15 10.89 -6.03 16.34
C HIS B 15 10.55 -4.82 15.51
N PRO B 16 9.73 -3.90 16.04
CA PRO B 16 9.10 -3.88 17.38
C PRO B 16 7.66 -4.36 17.36
N PHE B 17 7.31 -5.14 16.35
CA PHE B 17 5.92 -5.67 16.24
C PHE B 17 5.64 -6.83 17.15
N VAL B 18 6.59 -7.76 17.24
CA VAL B 18 6.49 -8.87 18.20
C VAL B 18 7.89 -9.16 18.73
N PHE B 19 7.99 -9.19 20.06
CA PHE B 19 9.18 -9.55 20.83
C PHE B 19 8.82 -10.81 21.64
N THR B 20 9.84 -11.57 22.07
CA THR B 20 9.61 -12.57 23.14
C THR B 20 10.54 -12.33 24.31
N ARG B 21 10.07 -12.74 25.48
CA ARG B 21 10.94 -12.89 26.64
C ARG B 21 10.62 -14.22 27.28
N GLU B 22 11.48 -14.67 28.19
CA GLU B 22 11.25 -15.96 28.82
C GLU B 22 10.09 -15.89 29.80
N VAL B 23 9.42 -17.02 30.02
CA VAL B 23 8.40 -17.04 31.07
C VAL B 23 9.13 -16.90 32.41
N ASP B 24 8.49 -16.25 33.38
CA ASP B 24 9.12 -16.06 34.70
C ASP B 24 9.28 -17.39 35.45
N ASP B 25 9.97 -17.34 36.58
CA ASP B 25 10.22 -18.56 37.35
C ASP B 25 8.96 -19.17 38.00
N GLU B 26 7.80 -18.57 37.71
CA GLU B 26 6.49 -19.14 38.09
C GLU B 26 5.66 -19.57 36.88
N GLY B 27 6.27 -19.51 35.70
CA GLY B 27 5.61 -19.91 34.47
C GLY B 27 4.71 -18.82 33.91
N LEU B 28 4.71 -17.66 34.55
CA LEU B 28 3.85 -16.53 34.13
C LEU B 28 4.51 -15.47 33.20
N CYS B 29 3.66 -14.69 32.54
CA CYS B 29 4.06 -13.67 31.56
C CYS B 29 3.54 -12.28 31.97
N PRO B 30 4.12 -11.69 33.04
CA PRO B 30 3.61 -10.45 33.66
C PRO B 30 3.02 -9.36 32.74
N ALA B 31 3.76 -8.96 31.71
CA ALA B 31 3.34 -7.91 30.77
C ALA B 31 3.49 -8.47 29.37
N GLY B 32 2.90 -9.63 29.15
CA GLY B 32 3.01 -10.23 27.84
C GLY B 32 1.93 -11.27 27.70
N GLN B 33 1.96 -11.96 26.56
N GLN B 33 1.94 -11.94 26.55
CA GLN B 33 0.97 -12.98 26.27
CA GLN B 33 0.97 -13.00 26.27
C GLN B 33 1.69 -14.32 26.16
C GLN B 33 1.71 -14.32 26.19
N LEU B 34 1.29 -15.28 27.00
CA LEU B 34 1.91 -16.60 26.96
C LEU B 34 1.71 -17.14 25.56
N CYS B 35 2.80 -17.59 24.96
N CYS B 35 2.74 -17.76 25.04
CA CYS B 35 2.80 -18.09 23.57
CA CYS B 35 2.63 -18.34 23.74
C CYS B 35 3.77 -19.27 23.44
C CYS B 35 3.50 -19.57 23.71
N LEU B 36 3.45 -20.24 22.57
CA LEU B 36 4.32 -21.39 22.37
C LEU B 36 5.28 -21.18 21.22
N ASP B 37 6.48 -21.75 21.35
CA ASP B 37 7.49 -21.69 20.30
C ASP B 37 7.86 -23.16 20.09
N PRO B 38 6.93 -23.94 19.52
CA PRO B 38 7.07 -25.39 19.50
C PRO B 38 7.71 -26.03 18.27
N MET B 39 8.11 -25.23 17.29
N MET B 39 8.14 -25.20 17.32
CA MET B 39 8.78 -25.78 16.14
CA MET B 39 8.75 -25.68 16.08
C MET B 39 7.96 -26.88 15.48
C MET B 39 7.98 -26.83 15.46
N THR B 40 6.75 -26.53 15.06
CA THR B 40 5.92 -27.50 14.37
C THR B 40 4.97 -26.78 13.43
N ASN B 41 4.66 -27.45 12.33
CA ASN B 41 3.56 -26.99 11.50
C ASN B 41 2.41 -28.01 11.51
N ASP B 42 2.42 -28.90 12.51
CA ASP B 42 1.41 -29.96 12.63
C ASP B 42 0.27 -29.53 13.53
N SER B 43 -0.90 -29.40 12.93
N SER B 43 -0.92 -29.38 12.95
CA SER B 43 -2.04 -28.93 13.67
CA SER B 43 -2.05 -28.90 13.75
C SER B 43 -2.42 -29.80 14.88
C SER B 43 -2.38 -29.80 14.95
N SER B 44 -2.30 -31.12 14.78
CA SER B 44 -2.60 -32.00 15.90
C SER B 44 -1.64 -31.81 17.05
N MET B 45 -0.37 -31.59 16.73
N MET B 45 -0.37 -31.59 16.74
CA MET B 45 0.63 -31.36 17.76
CA MET B 45 0.64 -31.39 17.78
C MET B 45 0.27 -30.10 18.53
C MET B 45 0.32 -30.08 18.53
N LEU B 46 -0.09 -29.04 17.80
CA LEU B 46 -0.47 -27.78 18.44
C LEU B 46 -1.72 -28.00 19.28
N ASP B 47 -2.68 -28.75 18.76
CA ASP B 47 -3.89 -29.07 19.54
C ASP B 47 -3.46 -29.66 20.88
N ARG B 48 -2.55 -30.61 20.85
CA ARG B 48 -2.14 -31.33 22.05
C ARG B 48 -1.42 -30.42 23.02
N LEU B 49 -0.50 -29.61 22.50
CA LEU B 49 0.26 -28.70 23.35
C LEU B 49 -0.63 -27.68 24.00
N PHE B 50 -1.52 -27.05 23.23
CA PHE B 50 -2.42 -26.07 23.82
C PHE B 50 -3.39 -26.65 24.85
N SER B 51 -3.93 -27.84 24.55
N SER B 51 -3.92 -27.84 24.56
CA SER B 51 -4.82 -28.50 25.50
CA SER B 51 -4.84 -28.49 25.51
C SER B 51 -4.09 -28.68 26.82
C SER B 51 -4.14 -28.83 26.82
N SER B 52 -2.87 -29.22 26.74
CA SER B 52 -2.09 -29.49 27.95
C SER B 52 -1.78 -28.18 28.68
N LEU B 53 -1.38 -27.16 27.92
CA LEU B 53 -1.09 -25.84 28.46
C LEU B 53 -2.24 -25.29 29.31
N HIS B 54 -3.47 -25.54 28.89
CA HIS B 54 -4.66 -25.02 29.60
C HIS B 54 -5.31 -26.03 30.53
N SER B 55 -4.58 -27.07 30.94
CA SER B 55 -5.17 -28.09 31.79
C SER B 55 -4.61 -28.01 33.21
N SER B 56 -5.16 -28.84 34.09
CA SER B 56 -4.68 -28.93 35.46
C SER B 56 -3.36 -29.69 35.50
N ASN B 57 -3.01 -30.30 34.37
CA ASN B 57 -1.76 -31.05 34.24
C ASN B 57 -0.94 -30.55 33.04
N ASP B 58 -0.34 -29.37 33.22
CA ASP B 58 0.44 -28.74 32.17
C ASP B 58 1.81 -29.37 32.00
N THR B 59 1.98 -30.16 30.95
CA THR B 59 3.23 -30.88 30.71
C THR B 59 4.03 -30.34 29.52
N VAL B 60 3.64 -29.18 29.00
CA VAL B 60 4.35 -28.59 27.88
C VAL B 60 5.83 -28.39 28.20
N PRO B 61 6.72 -28.93 27.35
CA PRO B 61 8.12 -28.69 27.60
C PRO B 61 8.37 -27.20 27.84
N ILE B 62 9.16 -26.91 28.86
CA ILE B 62 9.47 -25.53 29.25
C ILE B 62 10.16 -24.68 28.17
N LYS B 63 10.97 -25.34 27.34
CA LYS B 63 11.68 -24.70 26.26
C LYS B 63 10.72 -24.05 25.26
N PHE B 64 9.49 -24.58 25.18
CA PHE B 64 8.50 -24.09 24.20
C PHE B 64 7.71 -22.89 24.67
N LYS B 65 7.79 -22.58 25.96
CA LYS B 65 6.98 -21.50 26.47
C LYS B 65 7.74 -20.18 26.39
N LYS B 66 7.05 -19.16 25.91
CA LYS B 66 7.62 -17.82 25.81
C LYS B 66 6.52 -16.82 26.16
N CYS B 67 6.93 -15.58 26.40
CA CYS B 67 5.99 -14.47 26.58
C CYS B 67 6.14 -13.50 25.39
N CYS B 68 5.04 -13.27 24.69
N CYS B 68 5.06 -13.32 24.63
CA CYS B 68 5.01 -12.43 23.50
CA CYS B 68 5.08 -12.40 23.49
C CYS B 68 4.47 -11.03 23.81
C CYS B 68 4.59 -11.04 23.90
N TYR B 69 5.18 -10.00 23.35
N TYR B 69 5.07 -10.03 23.19
CA TYR B 69 4.77 -8.61 23.57
CA TYR B 69 4.60 -8.68 23.43
C TYR B 69 5.18 -7.72 22.40
C TYR B 69 5.02 -7.79 22.27
N GLY B 70 4.50 -6.58 22.27
CA GLY B 70 4.80 -5.66 21.15
C GLY B 70 3.59 -5.07 20.48
N TYR B 71 3.86 -4.25 19.47
CA TYR B 71 2.81 -3.56 18.75
C TYR B 71 1.68 -4.48 18.32
N CYS B 72 2.05 -5.59 17.68
CA CYS B 72 1.02 -6.52 17.19
C CYS B 72 0.32 -7.28 18.29
N ILE B 73 0.98 -7.43 19.44
CA ILE B 73 0.34 -8.13 20.55
C ILE B 73 -0.70 -7.20 21.20
N ASP B 74 -0.35 -5.92 21.36
CA ASP B 74 -1.33 -4.96 21.85
C ASP B 74 -2.54 -4.91 20.89
N LEU B 75 -2.28 -5.00 19.58
CA LEU B 75 -3.36 -4.93 18.62
C LEU B 75 -4.22 -6.19 18.76
N LEU B 76 -3.56 -7.35 18.85
CA LEU B 76 -4.32 -8.60 18.96
C LEU B 76 -5.19 -8.63 20.22
N GLU B 77 -4.65 -8.16 21.34
N GLU B 77 -4.64 -8.18 21.35
CA GLU B 77 -5.42 -8.20 22.61
CA GLU B 77 -5.42 -8.19 22.59
C GLU B 77 -6.65 -7.33 22.52
C GLU B 77 -6.68 -7.37 22.41
N GLN B 78 -6.52 -6.20 21.81
CA GLN B 78 -7.64 -5.30 21.64
C GLN B 78 -8.69 -5.91 20.72
N LEU B 79 -8.25 -6.56 19.63
CA LEU B 79 -9.20 -7.21 18.75
C LEU B 79 -9.95 -8.33 19.48
N ALA B 80 -9.23 -9.06 20.31
CA ALA B 80 -9.85 -10.15 21.03
C ALA B 80 -10.94 -9.62 21.96
N GLU B 81 -10.69 -8.48 22.59
N GLU B 81 -10.68 -8.47 22.57
CA GLU B 81 -11.73 -7.90 23.45
CA GLU B 81 -11.64 -7.82 23.48
C GLU B 81 -12.93 -7.47 22.60
C GLU B 81 -12.87 -7.32 22.71
N ASP B 82 -12.65 -6.69 21.56
CA ASP B 82 -13.72 -6.12 20.76
C ASP B 82 -14.53 -7.11 19.94
N MET B 83 -13.92 -8.23 19.55
N MET B 83 -13.89 -8.20 19.52
CA MET B 83 -14.65 -9.22 18.80
CA MET B 83 -14.56 -9.25 18.74
C MET B 83 -15.00 -10.43 19.66
C MET B 83 -15.11 -10.34 19.67
N ASN B 84 -14.74 -10.30 20.95
CA ASN B 84 -15.10 -11.33 21.90
C ASN B 84 -14.57 -12.72 21.51
N PHE B 85 -13.28 -12.82 21.24
CA PHE B 85 -12.69 -14.15 21.05
C PHE B 85 -11.55 -14.40 22.02
N ASP B 86 -11.29 -15.68 22.28
N ASP B 86 -11.27 -15.65 22.33
CA ASP B 86 -10.16 -16.17 23.05
CA ASP B 86 -10.02 -15.90 23.02
C ASP B 86 -9.12 -16.62 22.01
C ASP B 86 -9.11 -16.60 22.04
N PHE B 87 -7.84 -16.73 22.40
CA PHE B 87 -6.86 -17.25 21.43
C PHE B 87 -5.73 -18.00 22.07
N ASP B 88 -5.13 -18.86 21.25
CA ASP B 88 -3.86 -19.52 21.56
C ASP B 88 -2.88 -18.89 20.57
N LEU B 89 -1.66 -18.63 21.00
CA LEU B 89 -0.70 -17.92 20.17
C LEU B 89 0.55 -18.77 20.04
N TYR B 90 1.02 -19.00 18.82
CA TYR B 90 2.28 -19.75 18.67
C TYR B 90 3.13 -19.08 17.60
N ILE B 91 4.43 -19.38 17.64
CA ILE B 91 5.39 -18.80 16.75
C ILE B 91 5.63 -19.73 15.58
N VAL B 92 5.54 -19.20 14.36
CA VAL B 92 5.68 -20.03 13.15
C VAL B 92 6.96 -20.86 13.18
N GLY B 93 6.82 -22.13 12.86
CA GLY B 93 7.91 -23.08 13.06
C GLY B 93 9.15 -22.83 12.22
N ASP B 94 8.93 -22.44 10.97
CA ASP B 94 10.06 -22.21 10.06
C ASP B 94 10.62 -20.80 10.14
N GLY B 95 10.01 -19.96 10.97
CA GLY B 95 10.50 -18.57 11.13
C GLY B 95 10.26 -17.65 9.94
N LYS B 96 9.51 -18.11 8.93
CA LYS B 96 9.33 -17.33 7.67
C LYS B 96 7.95 -16.70 7.50
N TYR B 97 7.92 -15.59 6.78
CA TYR B 97 6.63 -14.94 6.47
C TYR B 97 5.90 -15.82 5.49
N GLY B 98 6.61 -16.29 4.46
CA GLY B 98 6.00 -17.27 3.56
C GLY B 98 6.25 -16.97 2.10
N ALA B 99 6.57 -18.02 1.36
CA ALA B 99 6.81 -17.95 -0.06
C ALA B 99 6.37 -19.22 -0.71
N TRP B 100 6.22 -19.18 -2.03
CA TRP B 100 5.91 -20.39 -2.78
C TRP B 100 7.23 -21.13 -3.06
N LYS B 101 7.39 -22.30 -2.48
N LYS B 101 7.37 -22.30 -2.47
CA LYS B 101 8.65 -23.04 -2.59
CA LYS B 101 8.61 -23.07 -2.57
C LYS B 101 8.38 -24.54 -2.60
C LYS B 101 8.30 -24.55 -2.66
N ASN B 102 8.94 -25.24 -3.59
CA ASN B 102 8.76 -26.69 -3.71
C ASN B 102 7.28 -27.08 -3.72
N GLY B 103 6.48 -26.35 -4.48
CA GLY B 103 5.07 -26.67 -4.67
C GLY B 103 4.06 -26.40 -3.57
N HIS B 104 4.43 -25.55 -2.60
CA HIS B 104 3.50 -25.18 -1.54
C HIS B 104 3.95 -23.87 -0.96
N TRP B 105 3.12 -23.31 -0.09
CA TRP B 105 3.48 -22.08 0.56
C TRP B 105 4.10 -22.40 1.91
N THR B 106 5.18 -21.66 2.23
CA THR B 106 5.85 -21.81 3.52
C THR B 106 5.33 -20.80 4.56
N GLY B 107 5.88 -20.84 5.77
CA GLY B 107 5.70 -19.74 6.75
C GLY B 107 4.24 -19.52 7.17
N LEU B 108 3.94 -18.27 7.48
CA LEU B 108 2.59 -17.91 7.92
C LEU B 108 1.56 -18.26 6.86
N VAL B 109 1.88 -18.02 5.60
CA VAL B 109 0.93 -18.28 4.53
C VAL B 109 0.57 -19.75 4.54
N GLY B 110 1.60 -20.60 4.66
CA GLY B 110 1.38 -22.04 4.65
C GLY B 110 0.49 -22.51 5.80
N ASP B 111 0.69 -21.95 6.99
CA ASP B 111 -0.11 -22.39 8.12
C ASP B 111 -1.56 -21.93 7.98
N LEU B 112 -1.79 -20.81 7.31
CA LEU B 112 -3.19 -20.39 7.07
C LEU B 112 -3.84 -21.31 6.06
N LEU B 113 -3.09 -21.65 5.00
CA LEU B 113 -3.66 -22.52 3.97
C LEU B 113 -3.91 -23.95 4.41
N SER B 114 -3.10 -24.46 5.36
CA SER B 114 -3.29 -25.81 5.85
C SER B 114 -4.30 -25.90 6.98
N GLY B 115 -4.67 -24.75 7.52
CA GLY B 115 -5.61 -24.74 8.64
C GLY B 115 -4.93 -24.90 9.97
N THR B 116 -3.59 -24.85 9.97
CA THR B 116 -2.83 -25.00 11.20
C THR B 116 -3.02 -23.78 12.08
N ALA B 117 -3.15 -22.62 11.44
CA ALA B 117 -3.46 -21.35 12.13
C ALA B 117 -4.78 -20.84 11.58
N ASN B 118 -5.56 -20.20 12.46
CA ASN B 118 -6.78 -19.54 12.00
C ASN B 118 -6.53 -18.09 11.54
N MET B 119 -5.44 -17.48 12.00
CA MET B 119 -5.20 -16.06 11.72
C MET B 119 -3.72 -15.83 11.96
N ALA B 120 -3.11 -14.91 11.21
CA ALA B 120 -1.67 -14.56 11.37
C ALA B 120 -1.55 -13.11 11.74
N VAL B 121 -0.82 -12.82 12.81
CA VAL B 121 -0.70 -11.45 13.31
C VAL B 121 0.78 -11.14 13.59
N THR B 122 1.36 -10.29 12.74
CA THR B 122 2.73 -9.84 12.88
C THR B 122 2.94 -8.76 11.83
N SER B 123 4.19 -8.41 11.55
CA SER B 123 4.50 -7.43 10.49
C SER B 123 4.41 -8.10 9.13
N PHE B 124 3.20 -8.49 8.73
CA PHE B 124 2.95 -9.37 7.57
C PHE B 124 2.53 -8.57 6.37
N SER B 125 3.36 -8.55 5.33
CA SER B 125 3.08 -7.69 4.19
C SER B 125 2.02 -8.27 3.24
N ILE B 126 1.18 -7.34 2.81
CA ILE B 126 0.16 -7.62 1.79
C ILE B 126 0.83 -7.43 0.42
N ASN B 127 0.90 -8.49 -0.37
CA ASN B 127 1.40 -8.36 -1.73
C ASN B 127 0.46 -9.07 -2.69
N THR B 128 0.71 -8.92 -3.98
CA THR B 128 -0.21 -9.48 -4.95
C THR B 128 -0.27 -11.01 -4.91
N ALA B 129 0.89 -11.65 -4.83
CA ALA B 129 0.92 -13.09 -4.85
C ALA B 129 0.16 -13.69 -3.68
N ARG B 130 0.42 -13.17 -2.47
CA ARG B 130 -0.27 -13.70 -1.29
C ARG B 130 -1.76 -13.38 -1.38
N SER B 131 -2.08 -12.22 -1.95
CA SER B 131 -3.50 -11.83 -2.08
C SER B 131 -4.30 -12.80 -2.94
N GLN B 132 -3.62 -13.62 -3.76
CA GLN B 132 -4.40 -14.54 -4.58
C GLN B 132 -4.82 -15.77 -3.79
N VAL B 133 -4.21 -15.99 -2.61
CA VAL B 133 -4.45 -17.24 -1.86
C VAL B 133 -4.96 -17.12 -0.43
N ILE B 134 -4.69 -15.99 0.21
CA ILE B 134 -5.24 -15.77 1.57
C ILE B 134 -5.92 -14.42 1.62
N ASP B 135 -6.79 -14.26 2.62
CA ASP B 135 -7.41 -12.95 2.87
C ASP B 135 -6.45 -12.10 3.68
N PHE B 136 -6.45 -10.79 3.41
CA PHE B 136 -5.83 -9.84 4.31
C PHE B 136 -6.87 -8.84 4.73
N THR B 137 -6.78 -8.42 5.99
CA THR B 137 -7.63 -7.34 6.48
C THR B 137 -7.13 -6.03 5.87
N SER B 138 -7.90 -4.98 6.13
N SER B 138 -7.91 -4.97 6.07
CA SER B 138 -7.39 -3.65 5.88
CA SER B 138 -7.37 -3.66 5.75
C SER B 138 -6.05 -3.49 6.59
C SER B 138 -6.05 -3.52 6.52
N PRO B 139 -5.12 -2.75 5.98
CA PRO B 139 -3.79 -2.65 6.59
C PRO B 139 -3.79 -1.82 7.86
N PHE B 140 -2.92 -2.18 8.81
CA PHE B 140 -2.76 -1.38 10.03
C PHE B 140 -1.47 -0.56 10.01
N PHE B 141 -0.67 -0.74 8.96
CA PHE B 141 0.62 -0.09 8.84
C PHE B 141 1.01 -0.11 7.37
N SER B 142 1.94 0.74 6.99
CA SER B 142 2.42 0.68 5.60
C SER B 142 3.90 0.97 5.60
N THR B 143 4.65 0.34 4.70
CA THR B 143 6.09 0.58 4.68
C THR B 143 6.68 0.34 3.29
N SER B 144 7.64 1.18 2.90
CA SER B 144 8.46 0.92 1.73
C SER B 144 9.44 -0.20 2.06
N LEU B 145 10.03 -0.81 1.05
CA LEU B 145 11.25 -1.58 1.36
C LEU B 145 12.35 -0.55 1.60
N GLY B 146 13.38 -0.98 2.30
CA GLY B 146 14.50 -0.11 2.61
C GLY B 146 15.84 -0.79 2.41
N ILE B 147 16.86 0.05 2.45
CA ILE B 147 18.24 -0.43 2.24
C ILE B 147 19.09 0.11 3.36
N LEU B 148 19.61 -0.79 4.18
CA LEU B 148 20.43 -0.46 5.34
C LEU B 148 21.89 -0.52 4.95
N VAL B 149 22.64 0.54 5.27
CA VAL B 149 24.09 0.60 5.02
C VAL B 149 24.77 1.25 6.23
N ARG B 150 26.09 1.23 6.24
CA ARG B 150 26.82 1.91 7.30
C ARG B 150 27.01 3.38 6.95
N THR B 151 27.09 4.22 7.97
CA THR B 151 27.56 5.58 7.73
C THR B 151 28.96 5.51 7.13
N ARG B 152 29.24 6.40 6.18
CA ARG B 152 30.53 6.45 5.47
C ARG B 152 30.81 5.10 4.78
N GLY B 153 29.73 4.42 4.42
CA GLY B 153 29.82 3.10 3.78
C GLY B 153 29.35 3.16 2.33
N THR B 154 28.75 2.09 1.87
CA THR B 154 28.23 2.08 0.49
C THR B 154 27.05 3.04 0.31
N GLU B 155 27.13 3.83 -0.76
CA GLU B 155 26.05 4.76 -1.08
C GLU B 155 25.24 4.16 -2.21
N LEU B 156 23.91 4.26 -2.08
CA LEU B 156 23.01 3.70 -3.10
C LEU B 156 21.87 4.66 -3.36
N SER B 157 21.48 4.78 -4.62
CA SER B 157 20.37 5.66 -5.02
C SER B 157 18.99 5.06 -4.70
N GLY B 158 18.97 3.75 -4.48
CA GLY B 158 17.73 2.99 -4.37
C GLY B 158 17.89 1.66 -5.09
N ILE B 159 16.77 1.00 -5.37
CA ILE B 159 16.86 -0.39 -5.88
C ILE B 159 17.35 -0.50 -7.32
N HIS B 160 17.45 0.63 -8.02
CA HIS B 160 17.94 0.68 -9.40
C HIS B 160 19.40 1.09 -9.47
N ASP B 161 20.05 1.28 -8.32
CA ASP B 161 21.46 1.63 -8.40
C ASP B 161 22.25 0.58 -9.18
N PRO B 162 23.02 1.00 -10.19
CA PRO B 162 23.76 0.01 -10.97
C PRO B 162 24.71 -0.85 -10.14
N LYS B 163 25.14 -0.36 -8.99
CA LYS B 163 26.00 -1.20 -8.13
C LYS B 163 25.31 -2.50 -7.80
N LEU B 164 24.00 -2.46 -7.63
CA LEU B 164 23.25 -3.64 -7.25
C LEU B 164 23.07 -4.58 -8.43
N HIS B 165 23.18 -4.07 -9.65
CA HIS B 165 22.79 -4.85 -10.82
C HIS B 165 23.97 -5.35 -11.63
N HIS B 166 25.16 -5.06 -11.15
CA HIS B 166 26.37 -5.55 -11.82
C HIS B 166 27.17 -6.48 -10.95
N PRO B 167 27.05 -7.82 -11.15
CA PRO B 167 27.79 -8.78 -10.34
C PRO B 167 29.30 -8.54 -10.30
N SER B 168 29.86 -7.96 -11.37
CA SER B 168 31.32 -7.72 -11.40
C SER B 168 31.77 -6.79 -10.28
N GLN B 169 30.83 -6.03 -9.70
CA GLN B 169 31.20 -5.09 -8.65
C GLN B 169 31.26 -5.76 -7.28
N GLY B 170 30.68 -6.95 -7.19
CA GLY B 170 30.83 -7.79 -5.99
C GLY B 170 30.22 -7.22 -4.72
N PHE B 171 29.22 -6.34 -4.84
CA PHE B 171 28.63 -5.88 -3.57
C PHE B 171 27.96 -7.01 -2.86
N ARG B 172 28.13 -7.05 -1.55
CA ARG B 172 27.54 -8.09 -0.71
C ARG B 172 26.24 -7.55 -0.17
N PHE B 173 25.13 -8.02 -0.73
CA PHE B 173 23.81 -7.52 -0.24
C PHE B 173 22.79 -8.63 -0.41
N GLY B 174 21.89 -8.68 0.55
CA GLY B 174 20.86 -9.73 0.58
C GLY B 174 19.62 -9.20 1.27
N THR B 175 18.61 -10.05 1.30
CA THR B 175 17.36 -9.78 1.97
C THR B 175 17.01 -10.98 2.85
N VAL B 176 15.81 -10.95 3.45
CA VAL B 176 15.37 -12.07 4.25
C VAL B 176 14.71 -13.12 3.35
N ARG B 177 15.14 -14.36 3.50
CA ARG B 177 14.56 -15.47 2.76
C ARG B 177 13.06 -15.60 2.98
N GLU B 178 12.33 -15.85 1.89
CA GLU B 178 10.89 -16.16 1.94
C GLU B 178 10.07 -15.01 2.52
N SER B 179 10.54 -13.79 2.30
CA SER B 179 9.83 -12.56 2.67
C SER B 179 9.26 -11.91 1.43
N SER B 180 8.46 -10.87 1.63
N SER B 180 8.44 -10.88 1.63
CA SER B 180 7.85 -10.16 0.49
CA SER B 180 7.87 -10.19 0.48
C SER B 180 8.92 -9.37 -0.26
C SER B 180 8.99 -9.51 -0.30
N ALA B 181 10.03 -9.06 0.40
CA ALA B 181 11.15 -8.41 -0.31
C ALA B 181 11.78 -9.37 -1.30
N GLU B 182 11.95 -10.63 -0.87
CA GLU B 182 12.53 -11.60 -1.79
C GLU B 182 11.59 -11.81 -2.99
N ASP B 183 10.29 -11.87 -2.73
N ASP B 183 10.28 -11.88 -2.71
CA ASP B 183 9.33 -12.01 -3.83
CA ASP B 183 9.29 -11.99 -3.79
C ASP B 183 9.39 -10.84 -4.82
C ASP B 183 9.43 -10.84 -4.80
N TYR B 184 9.53 -9.63 -4.28
CA TYR B 184 9.64 -8.44 -5.12
C TYR B 184 10.86 -8.52 -6.02
N VAL B 185 12.01 -8.85 -5.43
CA VAL B 185 13.23 -8.93 -6.24
C VAL B 185 13.14 -10.05 -7.27
N ARG B 186 12.57 -11.20 -6.89
N ARG B 186 12.62 -11.20 -6.84
CA ARG B 186 12.45 -12.32 -7.84
CA ARG B 186 12.43 -12.38 -7.70
C ARG B 186 11.63 -11.90 -9.07
C ARG B 186 11.61 -12.04 -8.95
N GLN B 187 10.53 -11.21 -8.84
N GLN B 187 10.58 -11.23 -8.75
CA GLN B 187 9.65 -10.86 -9.95
CA GLN B 187 9.68 -10.84 -9.83
C GLN B 187 10.11 -9.65 -10.76
C GLN B 187 10.27 -9.76 -10.73
N SER B 188 10.78 -8.72 -10.10
CA SER B 188 11.21 -7.52 -10.82
C SER B 188 12.62 -7.59 -11.38
N PHE B 189 13.48 -8.33 -10.70
CA PHE B 189 14.90 -8.38 -11.04
C PHE B 189 15.44 -9.79 -10.88
N PRO B 190 15.01 -10.68 -11.75
CA PRO B 190 15.42 -12.08 -11.62
C PRO B 190 16.93 -12.32 -11.55
N GLU B 191 17.73 -11.59 -12.32
CA GLU B 191 19.18 -11.79 -12.28
C GLU B 191 19.73 -11.36 -10.92
N MET B 192 19.21 -10.26 -10.41
N MET B 192 19.21 -10.23 -10.43
CA MET B 192 19.70 -9.82 -9.11
CA MET B 192 19.59 -9.72 -9.10
C MET B 192 19.23 -10.78 -8.02
C MET B 192 19.22 -10.72 -8.03
N HIS B 193 18.02 -11.30 -8.17
CA HIS B 193 17.57 -12.30 -7.22
C HIS B 193 18.56 -13.48 -7.13
N GLU B 194 18.99 -13.96 -8.29
N GLU B 194 19.02 -13.97 -8.29
CA GLU B 194 19.94 -15.07 -8.34
CA GLU B 194 19.95 -15.10 -8.30
C GLU B 194 21.20 -14.65 -7.58
C GLU B 194 21.29 -14.71 -7.69
N TYR B 195 21.70 -13.46 -7.89
CA TYR B 195 22.94 -12.96 -7.31
C TYR B 195 22.89 -12.90 -5.80
N MET B 196 21.71 -12.52 -5.29
CA MET B 196 21.53 -12.33 -3.86
C MET B 196 21.43 -13.62 -3.05
N ARG B 197 21.24 -14.76 -3.71
N ARG B 197 21.23 -14.75 -3.73
CA ARG B 197 21.03 -16.03 -2.98
CA ARG B 197 21.03 -16.00 -3.04
C ARG B 197 22.13 -16.33 -1.97
C ARG B 197 22.10 -16.21 -1.97
N ARG B 198 23.37 -16.08 -2.35
CA ARG B 198 24.46 -16.32 -1.41
C ARG B 198 24.48 -15.39 -0.21
N TYR B 199 23.76 -14.26 -0.29
CA TYR B 199 23.82 -13.23 0.78
C TYR B 199 22.54 -13.15 1.60
N ASN B 200 21.48 -13.82 1.15
CA ASN B 200 20.23 -13.77 1.92
C ASN B 200 20.35 -14.44 3.28
N VAL B 201 19.47 -14.03 4.18
CA VAL B 201 19.52 -14.47 5.59
C VAL B 201 18.19 -15.01 6.05
N PRO B 202 18.20 -15.82 7.11
CA PRO B 202 16.93 -16.41 7.54
C PRO B 202 15.96 -15.43 8.17
N ALA B 203 16.47 -14.35 8.76
CA ALA B 203 15.62 -13.44 9.51
C ALA B 203 16.24 -12.06 9.60
N THR B 204 15.40 -11.04 9.81
CA THR B 204 15.89 -9.67 9.84
C THR B 204 17.11 -9.40 10.74
N PRO B 205 17.11 -9.86 12.01
CA PRO B 205 18.26 -9.58 12.86
C PRO B 205 19.58 -10.08 12.29
N ASP B 206 19.56 -11.19 11.54
CA ASP B 206 20.78 -11.75 10.94
C ASP B 206 21.37 -10.77 9.92
N GLY B 207 20.52 -10.17 9.12
CA GLY B 207 21.01 -9.17 8.15
C GLY B 207 21.54 -7.90 8.83
N VAL B 208 20.82 -7.45 9.85
CA VAL B 208 21.27 -6.26 10.57
C VAL B 208 22.64 -6.54 11.16
N GLN B 209 22.82 -7.71 11.77
N GLN B 209 22.82 -7.71 11.75
CA GLN B 209 24.11 -8.05 12.39
CA GLN B 209 24.09 -8.04 12.40
C GLN B 209 25.22 -8.02 11.35
C GLN B 209 25.25 -8.11 11.41
N TYR B 210 24.99 -8.71 10.24
CA TYR B 210 26.05 -8.82 9.21
C TYR B 210 26.44 -7.46 8.63
N LEU B 211 25.52 -6.52 8.68
CA LEU B 211 25.79 -5.18 8.20
C LEU B 211 26.43 -4.33 9.28
N LYS B 212 25.80 -4.32 10.46
CA LYS B 212 26.15 -3.43 11.56
C LYS B 212 27.39 -3.80 12.37
N ASN B 213 27.56 -5.10 12.64
CA ASN B 213 28.65 -5.51 13.50
C ASN B 213 29.89 -5.92 12.72
N ASP B 214 31.02 -5.91 13.40
N ASP B 214 31.04 -5.87 13.37
CA ASP B 214 32.28 -6.31 12.80
CA ASP B 214 32.29 -6.31 12.77
C ASP B 214 32.55 -7.79 13.10
C ASP B 214 32.47 -7.79 13.06
N PRO B 215 33.11 -8.52 12.13
CA PRO B 215 33.53 -8.04 10.83
C PRO B 215 32.35 -7.90 9.89
N GLU B 216 32.36 -6.85 9.09
CA GLU B 216 31.23 -6.57 8.20
C GLU B 216 31.11 -7.65 7.12
N LYS B 217 29.93 -8.27 7.04
CA LYS B 217 29.70 -9.34 6.04
C LYS B 217 28.73 -8.94 4.93
N LEU B 218 27.98 -7.87 5.12
CA LEU B 218 27.14 -7.29 4.04
C LEU B 218 27.49 -5.83 3.88
N ASP B 219 27.56 -5.39 2.64
CA ASP B 219 27.66 -3.96 2.30
C ASP B 219 26.32 -3.24 2.39
N ALA B 220 25.23 -3.97 2.19
CA ALA B 220 23.89 -3.40 2.31
C ALA B 220 22.93 -4.51 2.63
N PHE B 221 21.82 -4.18 3.28
CA PHE B 221 20.83 -5.20 3.60
C PHE B 221 19.45 -4.61 3.24
N ILE B 222 18.68 -5.39 2.50
CA ILE B 222 17.36 -4.93 2.01
C ILE B 222 16.25 -5.59 2.80
N MET B 223 15.36 -4.79 3.39
CA MET B 223 14.22 -5.37 4.11
C MET B 223 13.23 -4.23 4.39
N ASP B 224 12.04 -4.56 4.85
CA ASP B 224 11.04 -3.53 5.18
C ASP B 224 11.68 -2.33 5.88
N LYS B 225 11.43 -1.13 5.35
CA LYS B 225 12.02 0.05 5.96
C LYS B 225 11.53 0.28 7.38
N ALA B 226 10.27 -0.09 7.68
CA ALA B 226 9.77 0.08 9.07
C ALA B 226 10.65 -0.68 10.06
N LEU B 227 11.17 -1.83 9.61
CA LEU B 227 11.95 -2.68 10.52
C LEU B 227 13.36 -2.12 10.60
N LEU B 228 13.89 -1.72 9.45
CA LEU B 228 15.23 -1.13 9.46
C LEU B 228 15.25 0.16 10.24
N ASP B 229 14.20 0.99 10.15
CA ASP B 229 14.16 2.24 10.90
C ASP B 229 14.21 2.00 12.40
N TYR B 230 13.53 0.94 12.85
CA TYR B 230 13.58 0.58 14.26
C TYR B 230 15.03 0.30 14.67
N GLU B 231 15.73 -0.49 13.87
CA GLU B 231 17.12 -0.78 14.18
C GLU B 231 18.00 0.47 14.15
N VAL B 232 17.75 1.37 13.21
CA VAL B 232 18.55 2.60 13.20
C VAL B 232 18.30 3.42 14.49
N SER B 233 17.06 3.41 14.96
CA SER B 233 16.68 4.24 16.12
C SER B 233 17.30 3.73 17.42
N ILE B 234 17.58 2.44 17.49
CA ILE B 234 18.16 1.90 18.71
C ILE B 234 19.66 1.71 18.60
N ASP B 235 20.23 2.16 17.49
CA ASP B 235 21.68 2.11 17.33
C ASP B 235 22.24 3.36 18.03
N ALA B 236 22.77 3.16 19.22
CA ALA B 236 23.27 4.27 20.04
C ALA B 236 24.53 4.90 19.47
N ASP B 237 25.10 4.25 18.47
CA ASP B 237 26.34 4.71 17.87
C ASP B 237 26.15 5.56 16.62
N CYS B 238 24.92 5.64 16.13
CA CYS B 238 24.65 6.50 14.98
C CYS B 238 25.49 6.03 13.79
N LYS B 239 25.67 4.71 13.66
CA LYS B 239 26.51 4.15 12.61
C LYS B 239 25.76 3.49 11.45
N LEU B 240 24.44 3.60 11.45
CA LEU B 240 23.60 2.96 10.41
C LEU B 240 22.76 4.00 9.72
N LEU B 241 22.48 3.78 8.44
CA LEU B 241 21.64 4.68 7.63
C LEU B 241 20.70 3.85 6.80
N THR B 242 19.52 4.38 6.52
CA THR B 242 18.70 3.80 5.45
C THR B 242 18.89 4.76 4.26
N VAL B 243 19.00 4.23 3.05
CA VAL B 243 19.32 5.08 1.92
C VAL B 243 18.42 4.80 0.72
N GLY B 244 18.41 5.74 -0.21
CA GLY B 244 17.76 5.50 -1.50
C GLY B 244 16.29 5.90 -1.55
N LYS B 245 15.74 5.89 -2.75
CA LYS B 245 14.35 6.21 -2.99
C LYS B 245 13.44 5.09 -2.49
N PRO B 246 12.19 5.40 -2.17
CA PRO B 246 11.26 4.36 -1.77
C PRO B 246 11.02 3.36 -2.90
N PHE B 247 10.64 2.15 -2.54
CA PHE B 247 10.27 1.14 -3.54
C PHE B 247 9.43 0.04 -2.92
N ALA B 248 8.54 -0.56 -3.72
CA ALA B 248 7.79 -1.73 -3.26
C ALA B 248 7.05 -1.49 -1.95
N ILE B 249 6.29 -0.38 -1.92
CA ILE B 249 5.53 -0.03 -0.72
C ILE B 249 4.36 -1.04 -0.54
N GLU B 250 4.22 -1.54 0.69
CA GLU B 250 3.19 -2.56 1.01
C GLU B 250 2.63 -2.28 2.36
N GLY B 251 1.36 -2.64 2.52
CA GLY B 251 0.76 -2.54 3.83
C GLY B 251 1.05 -3.80 4.63
N TYR B 252 0.95 -3.69 5.96
CA TYR B 252 0.91 -4.87 6.84
C TYR B 252 -0.55 -5.12 7.19
N GLY B 253 -0.97 -6.37 7.09
CA GLY B 253 -2.37 -6.70 7.40
C GLY B 253 -2.41 -7.96 8.22
N ILE B 254 -3.57 -8.23 8.80
CA ILE B 254 -3.77 -9.53 9.45
C ILE B 254 -4.17 -10.53 8.38
N GLY B 255 -3.59 -11.73 8.43
CA GLY B 255 -3.86 -12.76 7.43
C GLY B 255 -4.89 -13.78 7.91
N LEU B 256 -5.79 -14.18 7.01
CA LEU B 256 -6.87 -15.14 7.32
C LEU B 256 -7.02 -16.06 6.12
N PRO B 257 -7.70 -17.19 6.28
CA PRO B 257 -7.96 -18.02 5.11
C PRO B 257 -8.79 -17.25 4.09
N PRO B 258 -8.71 -17.64 2.81
CA PRO B 258 -9.48 -16.90 1.79
C PRO B 258 -10.97 -16.97 2.09
N ASN B 259 -11.66 -15.86 1.85
CA ASN B 259 -13.11 -15.80 2.06
C ASN B 259 -13.53 -16.11 3.49
N SER B 260 -12.68 -15.77 4.47
CA SER B 260 -13.03 -15.93 5.87
C SER B 260 -14.15 -14.98 6.26
N PRO B 261 -15.13 -15.46 7.02
CA PRO B 261 -16.17 -14.54 7.49
C PRO B 261 -15.65 -13.54 8.55
N LEU B 262 -14.44 -13.75 9.05
CA LEU B 262 -13.91 -12.85 10.08
C LEU B 262 -13.27 -11.59 9.52
N THR B 263 -12.87 -11.64 8.25
CA THR B 263 -12.03 -10.58 7.70
C THR B 263 -12.71 -9.23 7.76
N SER B 264 -13.96 -9.14 7.33
N SER B 264 -13.99 -9.19 7.39
CA SER B 264 -14.60 -7.81 7.29
CA SER B 264 -14.71 -7.92 7.38
C SER B 264 -14.71 -7.20 8.68
C SER B 264 -14.82 -7.26 8.73
N ASN B 265 -15.05 -8.02 9.66
N ASN B 265 -15.04 -8.06 9.76
CA ASN B 265 -15.20 -7.52 11.02
CA ASN B 265 -15.20 -7.54 11.11
C ASN B 265 -13.87 -6.98 11.57
C ASN B 265 -13.87 -7.02 11.67
N ILE B 266 -12.80 -7.71 11.32
CA ILE B 266 -11.49 -7.27 11.78
C ILE B 266 -11.09 -6.02 11.05
N SER B 267 -11.34 -5.97 9.75
CA SER B 267 -11.04 -4.76 8.97
C SER B 267 -11.79 -3.57 9.50
N GLU B 268 -13.06 -3.74 9.83
N GLU B 268 -13.06 -3.73 9.84
CA GLU B 268 -13.84 -2.63 10.37
CA GLU B 268 -13.84 -2.63 10.37
C GLU B 268 -13.20 -2.10 11.64
C GLU B 268 -13.27 -2.10 11.69
N LEU B 269 -12.79 -3.00 12.53
CA LEU B 269 -12.16 -2.59 13.79
C LEU B 269 -10.82 -1.88 13.52
N ILE B 270 -9.99 -2.45 12.64
CA ILE B 270 -8.72 -1.79 12.31
C ILE B 270 -8.98 -0.38 11.80
N SER B 271 -10.00 -0.22 10.95
N SER B 271 -9.99 -0.24 10.95
CA SER B 271 -10.30 1.10 10.41
CA SER B 271 -10.36 1.06 10.40
C SER B 271 -10.76 2.07 11.50
C SER B 271 -10.69 2.03 11.52
N GLN B 272 -11.52 1.58 12.46
CA GLN B 272 -11.96 2.41 13.57
C GLN B 272 -10.76 2.77 14.46
N TYR B 273 -9.87 1.79 14.67
CA TYR B 273 -8.71 2.06 15.52
C TYR B 273 -7.84 3.13 14.87
N LYS B 274 -7.67 3.03 13.56
CA LYS B 274 -6.83 3.97 12.83
C LYS B 274 -7.43 5.36 12.95
N SER B 275 -8.73 5.47 12.71
CA SER B 275 -9.39 6.78 12.66
C SER B 275 -9.66 7.42 14.03
N HIS B 276 -9.27 6.74 15.09
CA HIS B 276 -9.37 7.29 16.43
C HIS B 276 -8.04 7.35 17.17
N GLY B 277 -6.96 7.16 16.41
CA GLY B 277 -5.61 7.43 16.91
C GLY B 277 -4.90 6.28 17.56
N PHE B 278 -5.52 5.11 17.59
CA PHE B 278 -4.89 3.98 18.26
C PHE B 278 -3.58 3.56 17.58
N MET B 279 -3.50 3.64 16.27
N MET B 279 -3.52 3.62 16.25
CA MET B 279 -2.24 3.26 15.63
CA MET B 279 -2.27 3.27 15.58
C MET B 279 -1.13 4.25 15.93
C MET B 279 -1.15 4.23 15.95
N ASP B 280 -1.51 5.50 16.17
CA ASP B 280 -0.53 6.52 16.57
C ASP B 280 -0.01 6.14 17.94
N VAL B 281 -0.94 5.80 18.83
CA VAL B 281 -0.55 5.39 20.18
C VAL B 281 0.40 4.20 20.13
N LEU B 282 0.06 3.19 19.35
CA LEU B 282 0.91 2.01 19.22
C LEU B 282 2.26 2.33 18.62
N HIS B 283 2.27 3.16 17.59
CA HIS B 283 3.54 3.52 16.96
C HIS B 283 4.44 4.21 17.96
N ASP B 284 3.90 5.21 18.67
CA ASP B 284 4.71 5.95 19.62
C ASP B 284 5.19 5.10 20.77
N LYS B 285 4.36 4.16 21.22
CA LYS B 285 4.76 3.29 22.31
C LYS B 285 5.90 2.37 21.94
N TRP B 286 5.79 1.76 20.77
CA TRP B 286 6.74 0.71 20.41
C TRP B 286 7.98 1.16 19.66
N TYR B 287 7.91 2.33 19.02
CA TYR B 287 9.09 2.96 18.45
C TYR B 287 9.72 3.93 19.46
BR BR C . -19.71 24.92 -7.02
CL CL D . -20.07 25.24 -7.27
CL CL E . -4.44 5.07 3.62
CL CL F . -5.50 9.20 -25.09
CL CL G . -29.37 -11.10 -12.28
C1 GOL H . 11.47 19.05 -10.08
O1 GOL H . 12.47 18.39 -9.34
C2 GOL H . 11.99 20.45 -10.36
O2 GOL H . 12.38 21.02 -9.10
C3 GOL H . 10.84 21.27 -10.90
O3 GOL H . 11.39 22.46 -11.43
C1 GOL I . -17.00 17.74 5.63
O1 GOL I . -17.94 18.11 6.63
C2 GOL I . -16.68 18.98 4.83
O2 GOL I . -17.75 19.24 3.96
C3 GOL I . -15.39 18.74 4.06
O3 GOL I . -14.53 19.82 4.39
C1 GOL J . 0.50 -12.77 -19.87
O1 GOL J . -0.49 -12.79 -20.86
C2 GOL J . 1.64 -12.04 -20.52
O2 GOL J . 1.37 -10.68 -20.43
C3 GOL J . 2.97 -12.37 -19.92
O3 GOL J . 3.84 -11.73 -20.79
CL CL K . 6.10 -11.21 30.13
CL CL L . 30.22 10.55 10.39
CL CL M . -2.07 1.92 6.93
N GLY N . -4.85 6.25 -9.78
CA GLY N . -4.44 6.15 -11.21
C GLY N . -3.02 6.62 -11.42
O GLY N . -2.47 7.30 -10.54
OXT GLY N . -2.47 6.34 -12.49
N GLY O . 6.88 -8.05 6.14
CA GLY O . 7.71 -9.17 5.53
C GLY O . 6.82 -10.20 4.87
O GLY O . 5.62 -10.18 5.11
OXT GLY O . 7.32 -11.08 4.10
C1 GOL P . -7.86 -22.43 3.81
O1 GOL P . -8.56 -21.92 2.71
C2 GOL P . -8.57 -23.64 4.39
O2 GOL P . -9.86 -23.24 4.83
C3 GOL P . -7.82 -24.01 5.67
O3 GOL P . -8.31 -25.25 6.15
#